data_3RY9
#
_entry.id   3RY9
#
_cell.length_a   139.421
_cell.length_b   49.144
_cell.length_c   100.369
_cell.angle_alpha   90.00
_cell.angle_beta   105.82
_cell.angle_gamma   90.00
#
_symmetry.space_group_name_H-M   'C 1 2 1'
#
loop_
_entity.id
_entity.type
_entity.pdbx_description
1 polymer 'Ancestral Glucocorticoid Receptor 1'
2 non-polymer GLYCEROL
3 non-polymer DESOXYCORTICOSTERONE
4 non-polymer 'SODIUM ION'
5 water water
#
_entity_poly.entity_id   1
_entity_poly.type   'polypeptide(L)'
_entity_poly.pdbx_seq_one_letter_code
;APTMISILEAIEPDVIYAGYDSTLPDTTNRLLSSLNRLGGRQMISAVKWAKALPGFRNLHLDDQMTLLQYSWMSLMAFSL
GWRSYQHTNGNMLYFAPDLIFNEERMQQSSMYELCKGMHKISLEFVRLQVSYEEYLCMKVLLLLSTVPKDGLKSQAAFDE
IRMSYIKELGKAIVKREGNSSQNWQRFYQLTKLLDSMHDLVGGLLQFCFYTFVESKTLSVEFPEMLVEIISNQLPKVMAG
MAKPLLFHQK
;
_entity_poly.pdbx_strand_id   A,B
#
# COMPACT_ATOMS: atom_id res chain seq x y z
N PRO A 2 9.55 8.19 29.43
CA PRO A 2 9.30 9.17 28.36
C PRO A 2 8.51 8.55 27.20
N THR A 3 7.59 9.32 26.63
CA THR A 3 6.80 8.87 25.50
C THR A 3 7.66 8.82 24.24
N MET A 4 7.26 7.95 23.31
CA MET A 4 7.93 7.83 22.03
C MET A 4 8.10 9.19 21.36
N ILE A 5 7.01 9.96 21.32
CA ILE A 5 7.01 11.28 20.69
C ILE A 5 7.94 12.28 21.39
N SER A 6 8.10 12.15 22.70
CA SER A 6 9.05 12.96 23.46
C SER A 6 10.48 12.72 23.01
N ILE A 7 10.81 11.45 22.79
CA ILE A 7 12.14 11.05 22.34
C ILE A 7 12.39 11.64 20.95
N LEU A 8 11.41 11.52 20.06
CA LEU A 8 11.52 12.10 18.72
C LEU A 8 11.81 13.60 18.77
N GLU A 9 11.07 14.32 19.62
CA GLU A 9 11.30 15.75 19.84
C GLU A 9 12.68 16.05 20.39
N ALA A 10 13.16 15.19 21.30
CA ALA A 10 14.44 15.38 21.97
C ALA A 10 15.64 15.12 21.06
N ILE A 11 15.53 14.14 20.17
CA ILE A 11 16.64 13.77 19.31
C ILE A 11 16.67 14.50 17.95
N GLU A 12 15.68 15.35 17.70
CA GLU A 12 15.62 16.11 16.45
C GLU A 12 16.81 17.07 16.37
N PRO A 13 17.63 16.98 15.30
CA PRO A 13 18.84 17.77 15.17
C PRO A 13 18.60 19.28 15.16
N ASP A 14 19.58 20.01 15.68
CA ASP A 14 19.61 21.47 15.54
C ASP A 14 19.74 21.86 14.08
N VAL A 15 19.41 23.10 13.76
CA VAL A 15 19.52 23.58 12.38
C VAL A 15 20.98 23.61 11.93
N ILE A 16 21.22 23.17 10.70
CA ILE A 16 22.56 23.10 10.13
C ILE A 16 22.75 24.24 9.12
N TYR A 17 23.91 24.88 9.17
CA TYR A 17 24.29 25.91 8.21
C TYR A 17 25.03 25.31 7.04
N ALA A 18 24.92 25.95 5.88
CA ALA A 18 25.64 25.53 4.69
C ALA A 18 27.10 26.00 4.73
N GLY A 19 27.34 27.14 5.38
CA GLY A 19 28.64 27.80 5.37
C GLY A 19 28.85 28.64 4.11
N TYR A 20 27.77 29.28 3.65
CA TYR A 20 27.79 30.04 2.41
C TYR A 20 28.18 31.51 2.61
N ASP A 21 29.11 32.00 1.78
CA ASP A 21 29.51 33.41 1.79
C ASP A 21 28.64 34.22 0.82
N SER A 22 27.68 34.95 1.36
CA SER A 22 26.72 35.70 0.55
C SER A 22 27.24 37.03 0.02
N THR A 23 28.42 37.45 0.45
CA THR A 23 29.04 38.68 -0.06
C THR A 23 29.56 38.46 -1.49
N LEU A 24 29.88 37.21 -1.79
CA LEU A 24 30.31 36.77 -3.12
C LEU A 24 29.10 36.37 -3.98
N PRO A 25 29.13 36.69 -5.28
CA PRO A 25 27.99 36.41 -6.16
C PRO A 25 27.68 34.91 -6.29
N ASP A 26 26.40 34.61 -6.51
CA ASP A 26 25.94 33.25 -6.79
C ASP A 26 26.41 32.81 -8.18
N THR A 27 26.87 31.55 -8.26
CA THR A 27 26.97 30.85 -9.54
C THR A 27 26.34 29.45 -9.40
N THR A 28 25.99 28.86 -10.53
CA THR A 28 25.48 27.48 -10.58
C THR A 28 26.37 26.53 -9.77
N ASN A 29 27.67 26.54 -10.05
CA ASN A 29 28.63 25.69 -9.35
C ASN A 29 28.71 25.91 -7.86
N ARG A 30 28.67 27.19 -7.46
CA ARG A 30 28.72 27.56 -6.05
C ARG A 30 27.47 27.07 -5.33
N LEU A 31 26.32 27.32 -5.94
CA LEU A 31 25.03 26.91 -5.38
C LEU A 31 24.91 25.39 -5.21
N LEU A 32 25.22 24.64 -6.25
CA LEU A 32 25.15 23.18 -6.15
C LEU A 32 26.17 22.62 -5.17
N SER A 33 27.42 23.11 -5.23
CA SER A 33 28.46 22.66 -4.30
C SER A 33 28.10 22.98 -2.86
N SER A 34 27.49 24.14 -2.67
CA SER A 34 27.02 24.55 -1.34
C SER A 34 25.89 23.64 -0.88
N LEU A 35 24.92 23.43 -1.76
CA LEU A 35 23.84 22.47 -1.49
C LEU A 35 24.40 21.11 -1.08
N ASN A 36 25.43 20.65 -1.78
CA ASN A 36 26.09 19.39 -1.45
C ASN A 36 26.83 19.39 -0.11
N ARG A 37 27.61 20.45 0.15
CA ARG A 37 28.27 20.59 1.45
C ARG A 37 27.24 20.53 2.58
N LEU A 38 26.13 21.27 2.39
CA LEU A 38 25.02 21.25 3.34
C LEU A 38 24.44 19.85 3.47
N GLY A 39 24.17 19.21 2.33
CA GLY A 39 23.69 17.82 2.30
C GLY A 39 24.57 16.88 3.11
N GLY A 40 25.89 17.04 2.95
CA GLY A 40 26.86 16.23 3.68
C GLY A 40 26.79 16.45 5.17
N ARG A 41 26.67 17.72 5.58
CA ARG A 41 26.54 18.06 7.01
C ARG A 41 25.24 17.51 7.61
N GLN A 42 24.15 17.66 6.88
CA GLN A 42 22.86 17.15 7.31
C GLN A 42 22.87 15.63 7.46
N MET A 43 23.55 14.95 6.53
CA MET A 43 23.65 13.49 6.60
C MET A 43 24.48 13.00 7.78
N ILE A 44 25.52 13.74 8.17
CA ILE A 44 26.28 13.40 9.37
C ILE A 44 25.33 13.44 10.59
N SER A 45 24.53 14.51 10.66
CA SER A 45 23.53 14.68 11.70
C SER A 45 22.43 13.62 11.63
N ALA A 46 22.02 13.25 10.42
CA ALA A 46 20.99 12.22 10.22
C ALA A 46 21.43 10.86 10.75
N VAL A 47 22.69 10.52 10.54
CA VAL A 47 23.29 9.29 11.10
C VAL A 47 23.14 9.27 12.62
N LYS A 48 23.51 10.37 13.26
CA LYS A 48 23.41 10.54 14.71
C LYS A 48 21.95 10.43 15.17
N TRP A 49 21.06 11.13 14.48
CA TRP A 49 19.63 11.10 14.76
C TRP A 49 19.11 9.67 14.69
N ALA A 50 19.33 9.02 13.54
CA ALA A 50 18.84 7.67 13.29
C ALA A 50 19.30 6.66 14.33
N LYS A 51 20.59 6.72 14.69
CA LYS A 51 21.17 5.83 15.70
C LYS A 51 20.50 5.96 17.09
N ALA A 52 19.84 7.07 17.36
CA ALA A 52 19.14 7.28 18.63
C ALA A 52 17.65 6.92 18.61
N LEU A 53 17.13 6.50 17.45
CA LEU A 53 15.70 6.17 17.31
C LEU A 53 15.30 4.89 18.02
N PRO A 54 14.24 4.93 18.84
CA PRO A 54 13.74 3.72 19.49
C PRO A 54 13.36 2.62 18.49
N GLY A 55 13.66 1.38 18.83
CA GLY A 55 13.38 0.25 17.95
C GLY A 55 14.42 0.14 16.85
N PHE A 56 14.48 1.16 15.99
CA PHE A 56 15.46 1.24 14.90
C PHE A 56 16.89 1.00 15.38
N ARG A 57 17.22 1.49 16.56
CA ARG A 57 18.57 1.31 17.14
C ARG A 57 18.89 -0.14 17.52
N ASN A 58 17.87 -1.01 17.52
CA ASN A 58 18.05 -2.43 17.84
C ASN A 58 18.29 -3.33 16.62
N LEU A 59 18.06 -2.78 15.43
CA LEU A 59 18.34 -3.49 14.19
C LEU A 59 19.83 -3.69 14.07
N HIS A 60 20.23 -4.74 13.37
CA HIS A 60 21.64 -4.95 13.08
C HIS A 60 22.18 -3.70 12.37
N LEU A 61 23.39 -3.29 12.72
CA LEU A 61 23.98 -2.05 12.20
C LEU A 61 23.99 -1.95 10.67
N ASP A 62 24.20 -3.07 9.99
CA ASP A 62 24.18 -3.11 8.52
C ASP A 62 22.82 -2.69 7.96
N ASP A 63 21.74 -3.09 8.66
CA ASP A 63 20.38 -2.70 8.29
C ASP A 63 20.15 -1.21 8.53
N GLN A 64 20.67 -0.71 9.64
CA GLN A 64 20.59 0.70 9.99
C GLN A 64 21.20 1.60 8.91
N MET A 65 22.38 1.22 8.44
CA MET A 65 23.11 2.05 7.47
C MET A 65 22.54 1.92 6.07
N THR A 66 21.95 0.75 5.77
CA THR A 66 21.30 0.48 4.48
C THR A 66 20.06 1.37 4.31
N LEU A 67 19.23 1.39 5.33
CA LEU A 67 17.99 2.17 5.32
C LEU A 67 18.26 3.66 5.21
N LEU A 68 19.23 4.12 5.99
CA LEU A 68 19.67 5.51 5.96
C LEU A 68 20.21 5.86 4.56
N GLN A 69 21.00 4.95 4.02
CA GLN A 69 21.58 5.14 2.69
C GLN A 69 20.52 5.18 1.58
N TYR A 70 19.52 4.31 1.67
CA TYR A 70 18.42 4.32 0.69
C TYR A 70 17.50 5.54 0.81
N SER A 71 17.27 5.99 2.04
CA SER A 71 16.28 7.04 2.29
C SER A 71 16.86 8.45 2.40
N TRP A 72 18.16 8.61 2.14
CA TRP A 72 18.83 9.90 2.35
C TRP A 72 18.14 11.09 1.67
N MET A 73 17.89 10.96 0.37
CA MET A 73 17.30 12.05 -0.40
C MET A 73 15.87 12.37 0.05
N SER A 74 15.11 11.33 0.39
CA SER A 74 13.74 11.51 0.87
C SER A 74 13.73 12.33 2.16
N LEU A 75 14.53 11.91 3.12
CA LEU A 75 14.60 12.58 4.42
C LEU A 75 14.93 14.06 4.30
N MET A 76 15.91 14.37 3.46
CA MET A 76 16.36 15.74 3.34
C MET A 76 15.40 16.64 2.56
N ALA A 77 14.74 16.08 1.55
CA ALA A 77 13.72 16.84 0.84
C ALA A 77 12.50 17.15 1.72
N PHE A 78 12.06 16.16 2.50
CA PHE A 78 10.95 16.30 3.44
C PHE A 78 11.23 17.33 4.54
N SER A 79 12.42 17.25 5.14
CA SER A 79 12.89 18.24 6.13
C SER A 79 13.01 19.64 5.52
N LEU A 80 13.50 19.72 4.29
CA LEU A 80 13.51 20.99 3.55
C LEU A 80 12.09 21.55 3.46
N GLY A 81 11.14 20.70 3.06
CA GLY A 81 9.73 21.11 2.95
C GLY A 81 9.20 21.71 4.24
N TRP A 82 9.54 21.06 5.36
CA TRP A 82 9.11 21.49 6.69
C TRP A 82 9.73 22.82 7.10
N ARG A 83 11.04 22.95 6.90
CA ARG A 83 11.76 24.20 7.21
C ARG A 83 11.21 25.38 6.40
N SER A 84 10.90 25.12 5.13
CA SER A 84 10.37 26.14 4.23
C SER A 84 8.96 26.57 4.64
N TYR A 85 8.23 25.63 5.23
CA TYR A 85 6.88 25.90 5.75
C TYR A 85 6.97 26.75 7.02
N GLN A 86 7.82 26.31 7.95
CA GLN A 86 7.98 26.93 9.26
C GLN A 86 8.64 28.31 9.29
N HIS A 87 9.62 28.54 8.42
CA HIS A 87 10.47 29.74 8.53
C HIS A 87 10.38 30.73 7.38
N THR A 88 9.50 30.45 6.43
CA THR A 88 9.45 31.17 5.18
C THR A 88 8.02 31.20 4.64
N ASN A 89 7.74 32.13 3.72
CA ASN A 89 6.47 32.11 2.99
C ASN A 89 6.62 32.36 1.49
N GLY A 90 5.69 31.82 0.71
CA GLY A 90 5.70 31.94 -0.76
C GLY A 90 6.67 30.97 -1.44
N ASN A 91 6.97 31.24 -2.70
CA ASN A 91 7.95 30.45 -3.45
C ASN A 91 9.38 30.61 -2.93
N MET A 92 9.65 30.09 -1.73
CA MET A 92 10.99 30.11 -1.16
C MET A 92 11.36 28.82 -0.45
N LEU A 93 12.59 28.36 -0.70
CA LEU A 93 13.11 27.16 -0.08
C LEU A 93 14.15 27.52 0.97
N TYR A 94 13.92 27.03 2.19
CA TYR A 94 14.80 27.27 3.31
C TYR A 94 15.75 26.08 3.49
N PHE A 95 16.77 26.04 2.65
CA PHE A 95 17.79 25.00 2.73
C PHE A 95 18.56 25.08 4.05
N ALA A 96 18.97 26.29 4.42
CA ALA A 96 19.69 26.57 5.68
C ALA A 96 19.48 28.05 6.02
N PRO A 97 19.75 28.47 7.27
CA PRO A 97 19.60 29.90 7.58
C PRO A 97 20.48 30.81 6.70
N ASP A 98 21.63 30.30 6.26
CA ASP A 98 22.54 31.07 5.41
C ASP A 98 22.40 30.71 3.92
N LEU A 99 21.40 29.90 3.58
CA LEU A 99 21.20 29.46 2.22
C LEU A 99 19.70 29.31 1.91
N ILE A 100 19.07 30.42 1.59
CA ILE A 100 17.64 30.46 1.31
C ILE A 100 17.43 30.79 -0.16
N PHE A 101 16.65 29.96 -0.86
CA PHE A 101 16.44 30.12 -2.29
C PHE A 101 15.12 30.81 -2.61
N ASN A 102 15.21 31.82 -3.46
CA ASN A 102 14.06 32.45 -4.08
C ASN A 102 13.96 32.00 -5.53
N GLU A 103 13.09 32.64 -6.30
CA GLU A 103 12.90 32.33 -7.72
C GLU A 103 14.21 32.42 -8.54
N GLU A 104 14.99 33.47 -8.30
CA GLU A 104 16.29 33.68 -9.00
C GLU A 104 17.26 32.54 -8.79
N ARG A 105 17.45 32.19 -7.51
CA ARG A 105 18.39 31.17 -7.10
C ARG A 105 17.95 29.78 -7.55
N MET A 106 16.63 29.57 -7.61
CA MET A 106 16.07 28.33 -8.14
C MET A 106 16.38 28.22 -9.64
N GLN A 107 16.25 29.34 -10.35
CA GLN A 107 16.60 29.38 -11.77
C GLN A 107 18.09 29.15 -12.02
N GLN A 108 18.95 29.82 -11.25
CA GLN A 108 20.39 29.75 -11.47
C GLN A 108 21.00 28.42 -11.02
N SER A 109 20.32 27.72 -10.11
CA SER A 109 20.75 26.40 -9.67
C SER A 109 20.80 25.39 -10.82
N SER A 110 20.04 25.67 -11.88
CA SER A 110 19.84 24.77 -13.04
C SER A 110 19.07 23.49 -12.70
N MET A 111 18.38 23.50 -11.56
CA MET A 111 17.45 22.43 -11.20
C MET A 111 16.14 23.06 -10.75
N TYR A 112 15.65 23.99 -11.56
CA TYR A 112 14.46 24.79 -11.25
C TYR A 112 13.21 23.93 -11.01
N GLU A 113 12.95 23.01 -11.94
CA GLU A 113 11.75 22.17 -11.89
C GLU A 113 11.77 21.32 -10.61
N LEU A 114 12.95 20.83 -10.23
CA LEU A 114 13.11 20.05 -9.01
C LEU A 114 12.91 20.87 -7.74
N CYS A 115 13.34 22.13 -7.79
CA CYS A 115 13.12 23.05 -6.67
C CYS A 115 11.63 23.25 -6.44
N LYS A 116 10.89 23.45 -7.54
CA LYS A 116 9.43 23.57 -7.50
C LYS A 116 8.76 22.30 -6.95
N GLY A 117 9.31 21.14 -7.30
CA GLY A 117 8.81 19.86 -6.79
C GLY A 117 8.97 19.74 -5.29
N MET A 118 10.13 20.15 -4.79
CA MET A 118 10.37 20.18 -3.35
C MET A 118 9.50 21.21 -2.63
N HIS A 119 9.28 22.35 -3.29
CA HIS A 119 8.40 23.40 -2.76
C HIS A 119 6.98 22.88 -2.54
N LYS A 120 6.51 22.02 -3.46
CA LYS A 120 5.18 21.40 -3.34
C LYS A 120 4.96 20.71 -2.00
N ILE A 121 6.03 20.17 -1.40
CA ILE A 121 5.93 19.53 -0.08
C ILE A 121 5.52 20.54 0.99
N SER A 122 6.17 21.71 0.99
CA SER A 122 5.81 22.78 1.91
CA SER A 122 5.82 22.79 1.90
C SER A 122 4.36 23.20 1.71
N LEU A 123 3.92 23.26 0.45
CA LEU A 123 2.53 23.63 0.14
C LEU A 123 1.52 22.61 0.68
N GLU A 124 1.94 21.34 0.71
CA GLU A 124 1.12 20.27 1.26
C GLU A 124 1.06 20.33 2.78
N PHE A 125 2.20 20.66 3.41
CA PHE A 125 2.21 20.93 4.86
C PHE A 125 1.23 22.06 5.19
N VAL A 126 1.19 23.10 4.34
CA VAL A 126 0.26 24.22 4.51
C VAL A 126 -1.18 23.73 4.43
N ARG A 127 -1.52 23.09 3.32
CA ARG A 127 -2.88 22.65 3.01
C ARG A 127 -3.45 21.72 4.09
N LEU A 128 -2.63 20.78 4.55
CA LEU A 128 -3.06 19.79 5.53
C LEU A 128 -2.88 20.25 6.96
N GLN A 129 -2.13 21.34 7.15
CA GLN A 129 -1.85 21.88 8.47
C GLN A 129 -1.17 20.84 9.34
N VAL A 130 -0.12 20.23 8.79
CA VAL A 130 0.61 19.15 9.46
C VAL A 130 1.22 19.65 10.75
N SER A 131 0.96 18.93 11.84
CA SER A 131 1.53 19.26 13.13
C SER A 131 2.98 18.81 13.22
N TYR A 132 3.71 19.40 14.15
CA TYR A 132 5.10 19.01 14.40
C TYR A 132 5.22 17.53 14.75
N GLU A 133 4.32 17.03 15.60
CA GLU A 133 4.34 15.63 16.01
C GLU A 133 4.07 14.68 14.83
N GLU A 134 3.14 15.06 13.96
CA GLU A 134 2.84 14.28 12.76
C GLU A 134 4.07 14.25 11.85
N TYR A 135 4.68 15.41 11.66
CA TYR A 135 5.88 15.55 10.85
C TYR A 135 7.00 14.63 11.35
N LEU A 136 7.23 14.63 12.67
CA LEU A 136 8.31 13.82 13.24
C LEU A 136 8.08 12.32 12.99
N CYS A 137 6.84 11.89 13.16
CA CYS A 137 6.45 10.51 12.86
C CYS A 137 6.59 10.19 11.37
N MET A 138 6.15 11.10 10.52
CA MET A 138 6.27 10.91 9.06
C MET A 138 7.71 10.78 8.58
N LYS A 139 8.60 11.60 9.13
CA LYS A 139 10.01 11.57 8.79
C LYS A 139 10.63 10.21 9.11
N VAL A 140 10.30 9.64 10.28
CA VAL A 140 10.78 8.29 10.60
C VAL A 140 10.25 7.27 9.59
N LEU A 141 8.98 7.39 9.23
CA LEU A 141 8.40 6.50 8.21
C LEU A 141 9.17 6.59 6.88
N LEU A 142 9.71 7.75 6.55
CA LEU A 142 10.51 7.87 5.33
C LEU A 142 11.82 7.11 5.42
N LEU A 143 12.41 7.08 6.62
CA LEU A 143 13.61 6.29 6.88
C LEU A 143 13.33 4.80 6.66
N LEU A 144 12.07 4.42 6.86
CA LEU A 144 11.65 3.03 6.79
C LEU A 144 10.83 2.73 5.54
N SER A 145 10.93 3.56 4.50
CA SER A 145 10.08 3.35 3.31
C SER A 145 10.77 3.07 1.97
N THR A 146 12.10 2.90 1.99
CA THR A 146 12.83 2.43 0.82
C THR A 146 13.75 1.30 1.27
N VAL A 147 13.51 0.11 0.75
CA VAL A 147 14.22 -1.08 1.20
C VAL A 147 14.89 -1.79 0.02
N PRO A 148 15.96 -2.56 0.28
CA PRO A 148 16.56 -3.34 -0.81
C PRO A 148 15.59 -4.43 -1.23
N LYS A 149 15.51 -4.65 -2.53
CA LYS A 149 14.60 -5.62 -3.14
C LYS A 149 14.84 -7.05 -2.64
N ASP A 150 16.09 -7.34 -2.26
CA ASP A 150 16.45 -8.68 -1.78
C ASP A 150 16.32 -8.83 -0.27
N GLY A 151 15.85 -7.77 0.40
CA GLY A 151 15.49 -7.83 1.82
C GLY A 151 16.58 -7.40 2.78
N LEU A 152 16.22 -7.23 4.04
CA LEU A 152 17.14 -6.82 5.09
C LEU A 152 17.61 -8.02 5.91
N LYS A 153 18.60 -7.79 6.77
CA LYS A 153 19.06 -8.81 7.70
C LYS A 153 17.95 -9.18 8.69
N SER A 154 17.38 -8.17 9.35
CA SER A 154 16.32 -8.35 10.34
C SER A 154 14.97 -7.90 9.80
N GLN A 155 14.46 -8.64 8.83
CA GLN A 155 13.20 -8.33 8.16
C GLN A 155 11.99 -8.27 9.11
N ALA A 156 11.79 -9.32 9.90
CA ALA A 156 10.69 -9.38 10.86
C ALA A 156 10.73 -8.27 11.90
N ALA A 157 11.93 -7.95 12.39
CA ALA A 157 12.15 -6.84 13.32
C ALA A 157 11.83 -5.48 12.69
N PHE A 158 12.29 -5.29 11.44
CA PHE A 158 11.96 -4.11 10.66
C PHE A 158 10.44 -3.88 10.54
N ASP A 159 9.72 -4.93 10.14
CA ASP A 159 8.25 -4.86 10.01
C ASP A 159 7.59 -4.40 11.30
N GLU A 160 8.10 -4.91 12.42
CA GLU A 160 7.59 -4.56 13.74
C GLU A 160 7.87 -3.10 14.06
N ILE A 161 9.09 -2.66 13.80
CA ILE A 161 9.48 -1.27 14.01
C ILE A 161 8.66 -0.33 13.13
N ARG A 162 8.50 -0.70 11.86
CA ARG A 162 7.75 0.14 10.94
C ARG A 162 6.31 0.27 11.40
N MET A 163 5.68 -0.86 11.77
CA MET A 163 4.32 -0.83 12.30
C MET A 163 4.18 0.08 13.52
N SER A 164 5.13 0.00 14.46
CA SER A 164 5.07 0.82 15.67
CA SER A 164 5.12 0.83 15.67
C SER A 164 5.07 2.31 15.34
N TYR A 165 5.84 2.71 14.34
CA TYR A 165 5.88 4.12 13.95
C TYR A 165 4.65 4.55 13.16
N ILE A 166 4.05 3.61 12.43
CA ILE A 166 2.72 3.84 11.85
C ILE A 166 1.71 4.09 12.98
N LYS A 167 1.77 3.26 14.02
CA LYS A 167 0.91 3.48 15.20
C LYS A 167 1.20 4.83 15.84
N GLU A 168 2.48 5.19 15.93
CA GLU A 168 2.87 6.50 16.46
C GLU A 168 2.28 7.65 15.68
N LEU A 169 2.29 7.54 14.34
CA LEU A 169 1.66 8.53 13.50
C LEU A 169 0.17 8.64 13.84
N GLY A 170 -0.48 7.48 14.04
CA GLY A 170 -1.89 7.43 14.40
C GLY A 170 -2.18 8.18 15.69
N LYS A 171 -1.29 8.01 16.69
CA LYS A 171 -1.40 8.73 17.96
C LYS A 171 -1.28 10.23 17.76
N ALA A 172 -0.35 10.64 16.89
CA ALA A 172 -0.15 12.05 16.61
C ALA A 172 -1.39 12.65 15.96
N ILE A 173 -2.00 11.88 15.06
CA ILE A 173 -3.27 12.26 14.44
C ILE A 173 -4.40 12.42 15.49
N VAL A 174 -4.57 11.42 16.35
CA VAL A 174 -5.66 11.40 17.34
C VAL A 174 -5.54 12.61 18.27
N LYS A 175 -4.37 12.78 18.88
CA LYS A 175 -4.00 14.00 19.60
C LYS A 175 -4.33 15.17 18.68
N ARG A 176 -5.26 16.04 19.10
CA ARG A 176 -5.83 17.14 18.29
C ARG A 176 -7.36 17.07 18.24
N ASN A 183 -9.68 11.69 11.02
CA ASN A 183 -9.04 10.56 11.70
C ASN A 183 -8.47 9.60 10.67
N TRP A 184 -9.32 8.70 10.14
CA TRP A 184 -8.88 7.80 9.08
C TRP A 184 -8.64 8.60 7.82
N GLN A 185 -9.44 9.64 7.63
CA GLN A 185 -9.25 10.55 6.51
C GLN A 185 -7.89 11.22 6.55
N ARG A 186 -7.47 11.65 7.74
CA ARG A 186 -6.18 12.30 7.90
C ARG A 186 -5.04 11.31 7.63
N PHE A 187 -5.16 10.10 8.16
CA PHE A 187 -4.22 9.02 7.88
C PHE A 187 -4.07 8.79 6.38
N TYR A 188 -5.19 8.69 5.69
CA TYR A 188 -5.21 8.50 4.23
C TYR A 188 -4.43 9.64 3.55
N GLN A 189 -4.70 10.87 3.99
CA GLN A 189 -4.04 12.04 3.40
C GLN A 189 -2.55 12.12 3.68
N LEU A 190 -2.15 11.84 4.92
CA LEU A 190 -0.74 11.96 5.29
C LEU A 190 0.11 10.87 4.63
N THR A 191 -0.45 9.67 4.50
CA THR A 191 0.25 8.56 3.83
C THR A 191 0.32 8.76 2.32
N LYS A 192 -0.70 9.40 1.76
CA LYS A 192 -0.65 9.86 0.37
C LYS A 192 0.54 10.81 0.15
N LEU A 193 0.72 11.75 1.08
CA LEU A 193 1.86 12.69 1.00
C LEU A 193 3.20 11.94 1.08
N LEU A 194 3.29 10.96 1.96
CA LEU A 194 4.49 10.12 2.05
C LEU A 194 4.78 9.42 0.73
N ASP A 195 3.75 8.80 0.12
CA ASP A 195 3.90 8.11 -1.16
C ASP A 195 4.40 9.03 -2.28
N SER A 196 3.95 10.29 -2.27
CA SER A 196 4.31 11.26 -3.33
C SER A 196 5.82 11.57 -3.37
N MET A 197 6.51 11.28 -2.27
CA MET A 197 7.95 11.52 -2.16
C MET A 197 8.75 10.70 -3.15
N HIS A 198 8.28 9.48 -3.45
CA HIS A 198 9.03 8.55 -4.29
C HIS A 198 9.27 9.08 -5.71
N ASP A 199 8.23 9.61 -6.35
CA ASP A 199 8.37 10.18 -7.70
C ASP A 199 9.29 11.40 -7.69
N LEU A 200 9.12 12.27 -6.70
CA LEU A 200 9.96 13.45 -6.55
C LEU A 200 11.43 13.04 -6.36
N VAL A 201 11.66 12.15 -5.39
CA VAL A 201 13.01 11.67 -5.11
C VAL A 201 13.66 11.03 -6.34
N GLY A 202 12.87 10.32 -7.15
CA GLY A 202 13.37 9.82 -8.43
C GLY A 202 13.97 10.91 -9.28
N GLY A 203 13.27 12.04 -9.38
CA GLY A 203 13.74 13.20 -10.14
C GLY A 203 15.00 13.79 -9.54
N LEU A 204 15.04 13.90 -8.22
CA LEU A 204 16.20 14.46 -7.52
C LEU A 204 17.44 13.60 -7.76
N LEU A 205 17.27 12.28 -7.69
CA LEU A 205 18.35 11.33 -7.89
C LEU A 205 18.89 11.31 -9.32
N GLN A 206 18.01 11.43 -10.31
CA GLN A 206 18.44 11.58 -11.71
C GLN A 206 19.45 12.73 -11.87
N PHE A 207 19.10 13.89 -11.29
CA PHE A 207 19.94 15.08 -11.41
C PHE A 207 21.22 14.95 -10.58
N CYS A 208 21.07 14.38 -9.38
CA CYS A 208 22.20 14.17 -8.49
C CYS A 208 23.27 13.32 -9.17
N PHE A 209 22.85 12.20 -9.77
CA PHE A 209 23.78 11.28 -10.42
C PHE A 209 24.45 11.95 -11.61
N TYR A 210 23.68 12.73 -12.37
CA TYR A 210 24.20 13.49 -13.50
C TYR A 210 25.30 14.48 -13.07
N THR A 211 25.02 15.27 -12.04
CA THR A 211 26.01 16.24 -11.54
C THR A 211 27.24 15.54 -10.95
N PHE A 212 27.03 14.37 -10.35
CA PHE A 212 28.11 13.57 -9.76
C PHE A 212 29.08 13.10 -10.85
N VAL A 213 28.54 12.71 -12.00
CA VAL A 213 29.32 12.13 -13.09
C VAL A 213 29.92 13.23 -13.98
N GLU A 214 29.13 14.28 -14.19
CA GLU A 214 29.50 15.41 -15.02
C GLU A 214 30.22 16.49 -14.20
N SER A 215 30.56 16.17 -12.95
CA SER A 215 31.06 17.16 -11.99
C SER A 215 32.30 17.95 -12.45
N LYS A 216 33.15 17.32 -13.26
CA LYS A 216 34.35 18.00 -13.77
C LYS A 216 33.95 19.07 -14.80
N THR A 217 33.27 18.63 -15.86
CA THR A 217 32.78 19.51 -16.92
C THR A 217 31.82 20.60 -16.42
N LEU A 218 31.04 20.27 -15.39
CA LEU A 218 30.19 21.26 -14.70
C LEU A 218 30.99 21.98 -13.63
N SER A 219 31.68 21.18 -12.80
CA SER A 219 32.51 21.63 -11.66
C SER A 219 31.78 21.69 -10.31
N VAL A 220 31.04 20.63 -10.00
CA VAL A 220 30.30 20.54 -8.75
C VAL A 220 31.07 19.71 -7.73
N GLU A 221 31.27 20.31 -6.56
CA GLU A 221 31.96 19.65 -5.46
C GLU A 221 30.99 18.88 -4.57
N PHE A 222 31.41 17.68 -4.15
CA PHE A 222 30.64 16.87 -3.21
C PHE A 222 31.53 16.58 -2.01
N PRO A 223 30.96 16.64 -0.79
CA PRO A 223 31.74 16.21 0.37
C PRO A 223 31.86 14.68 0.42
N GLU A 224 32.86 14.21 1.15
CA GLU A 224 33.14 12.78 1.31
C GLU A 224 31.89 12.02 1.73
N MET A 225 31.13 12.58 2.65
CA MET A 225 29.88 11.99 3.12
C MET A 225 28.92 11.66 1.97
N LEU A 226 28.74 12.60 1.04
CA LEU A 226 27.88 12.36 -0.11
C LEU A 226 28.51 11.47 -1.17
N VAL A 227 29.83 11.50 -1.29
CA VAL A 227 30.54 10.64 -2.25
C VAL A 227 30.35 9.18 -1.86
N GLU A 228 30.47 8.91 -0.56
CA GLU A 228 30.26 7.57 -0.01
C GLU A 228 28.83 7.08 -0.30
N ILE A 229 27.84 7.93 -0.04
CA ILE A 229 26.43 7.58 -0.29
C ILE A 229 26.15 7.38 -1.79
N ILE A 230 26.51 8.36 -2.60
CA ILE A 230 26.19 8.32 -4.04
C ILE A 230 26.91 7.17 -4.77
N SER A 231 28.17 6.90 -4.42
CA SER A 231 28.91 5.81 -5.08
C SER A 231 28.28 4.43 -4.80
N ASN A 232 27.54 4.32 -3.70
CA ASN A 232 26.76 3.12 -3.39
C ASN A 232 25.34 3.18 -3.95
N GLN A 233 24.71 4.36 -3.87
CA GLN A 233 23.32 4.53 -4.30
C GLN A 233 23.13 4.62 -5.80
N LEU A 234 24.07 5.23 -6.50
CA LEU A 234 23.99 5.29 -7.96
C LEU A 234 23.80 3.88 -8.55
N PRO A 235 24.69 2.91 -8.21
CA PRO A 235 24.51 1.59 -8.79
C PRO A 235 23.21 0.88 -8.35
N LYS A 236 22.91 0.92 -7.06
CA LYS A 236 21.75 0.23 -6.52
C LYS A 236 20.43 0.78 -7.08
N VAL A 237 20.30 2.10 -7.13
CA VAL A 237 19.09 2.72 -7.67
C VAL A 237 18.97 2.49 -9.17
N MET A 238 20.05 2.71 -9.92
CA MET A 238 20.01 2.51 -11.36
C MET A 238 19.73 1.04 -11.71
N ALA A 239 20.21 0.12 -10.86
CA ALA A 239 20.00 -1.31 -11.10
C ALA A 239 18.67 -1.83 -10.57
N GLY A 240 17.81 -0.91 -10.11
CA GLY A 240 16.48 -1.28 -9.62
C GLY A 240 16.45 -2.04 -8.30
N MET A 241 17.50 -1.89 -7.50
CA MET A 241 17.61 -2.60 -6.22
C MET A 241 16.78 -1.98 -5.08
N ALA A 242 16.35 -0.73 -5.26
CA ALA A 242 15.54 -0.05 -4.26
C ALA A 242 14.07 -0.30 -4.53
N LYS A 243 13.34 -0.74 -3.50
CA LYS A 243 11.91 -0.82 -3.64
C LYS A 243 11.22 0.10 -2.65
N PRO A 244 10.29 0.92 -3.15
CA PRO A 244 9.49 1.78 -2.29
C PRO A 244 8.46 0.95 -1.52
N LEU A 245 8.21 1.30 -0.27
CA LEU A 245 7.11 0.69 0.46
C LEU A 245 5.96 1.68 0.47
N LEU A 246 5.01 1.45 -0.42
CA LEU A 246 3.91 2.37 -0.63
C LEU A 246 2.76 2.08 0.32
N PHE A 247 2.09 3.14 0.74
CA PHE A 247 0.88 3.01 1.55
C PHE A 247 -0.35 2.85 0.66
N HIS A 248 -0.32 3.48 -0.51
CA HIS A 248 -1.44 3.44 -1.47
C HIS A 248 -1.05 2.63 -2.70
N GLN A 249 -2.07 2.19 -3.45
CA GLN A 249 -1.85 1.63 -4.78
C GLN A 249 -1.18 2.63 -5.69
N LYS A 250 -0.24 2.14 -6.48
CA LYS A 250 0.57 2.97 -7.38
C LYS A 250 -0.28 3.66 -8.44
N ALA B 1 -22.15 -41.97 -3.12
CA ALA B 1 -21.68 -41.65 -1.74
C ALA B 1 -21.31 -40.17 -1.61
N PRO B 2 -21.70 -39.52 -0.49
CA PRO B 2 -21.41 -38.10 -0.31
C PRO B 2 -19.93 -37.86 -0.05
N THR B 3 -19.45 -36.73 -0.58
CA THR B 3 -18.04 -36.36 -0.54
C THR B 3 -17.95 -34.95 0.00
N MET B 4 -16.74 -34.40 0.05
CA MET B 4 -16.56 -33.01 0.42
C MET B 4 -17.33 -32.04 -0.49
N ILE B 5 -17.48 -32.36 -1.77
CA ILE B 5 -18.25 -31.50 -2.68
C ILE B 5 -19.70 -31.42 -2.25
N SER B 6 -20.25 -32.52 -1.79
CA SER B 6 -21.60 -32.52 -1.25
C SER B 6 -21.76 -31.54 -0.10
N ILE B 7 -20.74 -31.47 0.76
CA ILE B 7 -20.74 -30.55 1.87
C ILE B 7 -20.71 -29.08 1.38
N LEU B 8 -19.77 -28.79 0.53
CA LEU B 8 -19.64 -27.43 0.01
C LEU B 8 -20.93 -26.97 -0.69
N GLU B 9 -21.60 -27.88 -1.38
CA GLU B 9 -22.86 -27.55 -2.09
C GLU B 9 -23.95 -27.21 -1.07
N ALA B 10 -23.94 -27.96 0.05
CA ALA B 10 -24.95 -27.83 1.11
C ALA B 10 -24.83 -26.53 1.92
N ILE B 11 -23.60 -26.04 2.10
CA ILE B 11 -23.38 -24.84 2.91
C ILE B 11 -23.23 -23.54 2.11
N GLU B 12 -23.15 -23.66 0.79
CA GLU B 12 -23.10 -22.47 -0.06
C GLU B 12 -24.28 -21.54 0.25
N PRO B 13 -23.99 -20.26 0.55
CA PRO B 13 -25.08 -19.33 0.89
C PRO B 13 -26.08 -19.19 -0.26
N ASP B 14 -27.33 -18.96 0.13
CA ASP B 14 -28.40 -18.64 -0.81
C ASP B 14 -28.20 -17.25 -1.40
N VAL B 15 -29.00 -16.96 -2.41
CA VAL B 15 -29.06 -15.64 -3.05
C VAL B 15 -29.26 -14.51 -2.04
N ILE B 16 -28.41 -13.48 -2.14
CA ILE B 16 -28.48 -12.32 -1.27
C ILE B 16 -28.87 -11.08 -2.09
N TYR B 17 -29.83 -10.33 -1.57
CA TYR B 17 -30.35 -9.14 -2.21
C TYR B 17 -29.66 -7.89 -1.69
N ALA B 18 -29.50 -6.89 -2.57
CA ALA B 18 -28.94 -5.59 -2.19
C ALA B 18 -29.97 -4.70 -1.48
N GLY B 19 -31.15 -4.56 -2.09
CA GLY B 19 -32.20 -3.67 -1.57
C GLY B 19 -32.44 -2.46 -2.47
N TYR B 20 -32.34 -2.66 -3.78
CA TYR B 20 -32.29 -1.55 -4.73
C TYR B 20 -33.56 -1.31 -5.56
N ASP B 21 -34.17 -0.14 -5.34
CA ASP B 21 -35.36 0.30 -6.07
C ASP B 21 -35.07 0.41 -7.58
N LEU B 24 -36.66 4.61 -9.88
CA LEU B 24 -35.77 5.70 -9.47
C LEU B 24 -34.56 5.76 -10.37
N PRO B 25 -34.24 6.96 -10.88
CA PRO B 25 -32.96 7.12 -11.57
C PRO B 25 -31.79 6.65 -10.69
N ASP B 26 -30.78 6.07 -11.31
CA ASP B 26 -29.55 5.75 -10.62
C ASP B 26 -28.79 7.03 -10.33
N THR B 27 -28.24 7.14 -9.12
CA THR B 27 -27.19 8.12 -8.86
C THR B 27 -25.94 7.39 -8.39
N THR B 28 -24.80 8.05 -8.50
CA THR B 28 -23.54 7.48 -8.08
C THR B 28 -23.60 7.01 -6.63
N ASN B 29 -24.05 7.90 -5.75
CA ASN B 29 -24.06 7.58 -4.31
CA ASN B 29 -24.09 7.61 -4.30
C ASN B 29 -25.08 6.51 -3.93
N ARG B 30 -26.20 6.44 -4.68
CA ARG B 30 -27.18 5.37 -4.50
C ARG B 30 -26.54 4.02 -4.85
N LEU B 31 -25.84 3.97 -5.97
CA LEU B 31 -25.23 2.73 -6.44
C LEU B 31 -24.15 2.21 -5.48
N LEU B 32 -23.24 3.10 -5.06
CA LEU B 32 -22.14 2.70 -4.16
C LEU B 32 -22.66 2.34 -2.77
N SER B 33 -23.60 3.13 -2.26
CA SER B 33 -24.24 2.83 -0.97
C SER B 33 -24.94 1.46 -0.96
N SER B 34 -25.62 1.14 -2.06
CA SER B 34 -26.30 -0.16 -2.17
C SER B 34 -25.29 -1.31 -2.26
N LEU B 35 -24.21 -1.10 -3.00
CA LEU B 35 -23.16 -2.10 -3.10
C LEU B 35 -22.55 -2.36 -1.72
N ASN B 36 -22.32 -1.30 -0.96
CA ASN B 36 -21.81 -1.44 0.41
C ASN B 36 -22.78 -2.19 1.32
N ARG B 37 -24.08 -1.87 1.22
CA ARG B 37 -25.10 -2.56 2.00
C ARG B 37 -25.09 -4.06 1.65
N LEU B 38 -25.04 -4.36 0.36
CA LEU B 38 -24.92 -5.73 -0.14
C LEU B 38 -23.67 -6.44 0.40
N GLY B 39 -22.53 -5.75 0.35
CA GLY B 39 -21.26 -6.30 0.85
C GLY B 39 -21.36 -6.70 2.30
N GLY B 40 -22.03 -5.88 3.11
CA GLY B 40 -22.27 -6.19 4.51
C GLY B 40 -23.10 -7.45 4.71
N ARG B 41 -24.20 -7.57 3.95
CA ARG B 41 -25.04 -8.76 3.97
C ARG B 41 -24.28 -10.00 3.53
N GLN B 42 -23.46 -9.87 2.48
CA GLN B 42 -22.67 -11.00 2.00
C GLN B 42 -21.61 -11.43 3.04
N MET B 43 -21.02 -10.47 3.72
CA MET B 43 -20.01 -10.79 4.70
C MET B 43 -20.57 -11.50 5.94
N ILE B 44 -21.78 -11.12 6.35
CA ILE B 44 -22.47 -11.84 7.42
C ILE B 44 -22.64 -13.32 7.05
N SER B 45 -23.11 -13.58 5.83
CA SER B 45 -23.19 -14.95 5.32
C SER B 45 -21.85 -15.66 5.14
N ALA B 46 -20.83 -14.92 4.70
CA ALA B 46 -19.50 -15.50 4.53
C ALA B 46 -18.91 -16.03 5.84
N VAL B 47 -19.12 -15.29 6.93
CA VAL B 47 -18.64 -15.68 8.26
C VAL B 47 -19.32 -16.98 8.67
N LYS B 48 -20.64 -17.01 8.53
CA LYS B 48 -21.44 -18.21 8.79
C LYS B 48 -20.94 -19.39 7.95
N TRP B 49 -20.82 -19.17 6.62
CA TRP B 49 -20.27 -20.16 5.70
C TRP B 49 -18.89 -20.69 6.10
N ALA B 50 -17.95 -19.79 6.39
CA ALA B 50 -16.59 -20.21 6.75
C ALA B 50 -16.59 -21.07 8.02
N LYS B 51 -17.37 -20.68 9.02
CA LYS B 51 -17.46 -21.45 10.26
C LYS B 51 -18.04 -22.85 10.02
N ALA B 52 -18.76 -23.00 8.91
CA ALA B 52 -19.40 -24.28 8.55
C ALA B 52 -18.52 -25.18 7.67
N LEU B 53 -17.37 -24.67 7.24
CA LEU B 53 -16.42 -25.45 6.44
C LEU B 53 -15.70 -26.48 7.30
N PRO B 54 -15.72 -27.75 6.88
CA PRO B 54 -14.97 -28.76 7.62
C PRO B 54 -13.50 -28.37 7.78
N GLY B 55 -13.05 -28.41 9.04
CA GLY B 55 -11.67 -28.09 9.37
C GLY B 55 -11.39 -26.63 9.70
N PHE B 56 -12.29 -25.72 9.34
CA PHE B 56 -12.05 -24.28 9.61
C PHE B 56 -11.94 -24.00 11.12
N ARG B 57 -12.76 -24.66 11.93
CA ARG B 57 -12.71 -24.44 13.38
C ARG B 57 -11.51 -25.10 14.05
N ASN B 58 -10.70 -25.84 13.29
CA ASN B 58 -9.37 -26.30 13.74
C ASN B 58 -8.43 -25.13 13.99
N LEU B 59 -8.65 -24.04 13.25
CA LEU B 59 -7.80 -22.86 13.36
C LEU B 59 -8.08 -22.11 14.64
N HIS B 60 -7.04 -21.51 15.20
CA HIS B 60 -7.15 -20.55 16.28
C HIS B 60 -8.26 -19.59 15.94
N LEU B 61 -9.09 -19.26 16.92
CA LEU B 61 -10.22 -18.34 16.71
C LEU B 61 -9.79 -16.98 16.11
N ASP B 62 -8.67 -16.43 16.56
CA ASP B 62 -8.20 -15.17 15.97
C ASP B 62 -7.75 -15.34 14.52
N ASP B 63 -7.21 -16.52 14.18
CA ASP B 63 -6.82 -16.81 12.80
C ASP B 63 -8.06 -16.92 11.90
N GLN B 64 -9.15 -17.48 12.45
CA GLN B 64 -10.42 -17.55 11.74
C GLN B 64 -10.88 -16.16 11.32
N MET B 65 -10.91 -15.22 12.26
CA MET B 65 -11.36 -13.86 11.98
CA MET B 65 -11.37 -13.87 11.94
C MET B 65 -10.37 -13.12 11.05
N THR B 66 -9.07 -13.35 11.28
CA THR B 66 -8.02 -12.77 10.42
C THR B 66 -8.20 -13.16 8.94
N LEU B 67 -8.39 -14.44 8.68
CA LEU B 67 -8.54 -14.94 7.32
C LEU B 67 -9.76 -14.35 6.62
N LEU B 68 -10.87 -14.25 7.35
CA LEU B 68 -12.09 -13.61 6.84
C LEU B 68 -11.90 -12.13 6.56
N GLN B 69 -11.26 -11.44 7.51
CA GLN B 69 -10.96 -10.00 7.37
C GLN B 69 -9.97 -9.67 6.26
N TYR B 70 -9.03 -10.58 5.98
CA TYR B 70 -8.08 -10.34 4.89
C TYR B 70 -8.60 -10.73 3.49
N SER B 71 -9.46 -11.76 3.43
CA SER B 71 -9.93 -12.31 2.16
C SER B 71 -11.28 -11.78 1.70
N TRP B 72 -11.96 -10.99 2.55
CA TRP B 72 -13.34 -10.57 2.29
C TRP B 72 -13.57 -10.05 0.87
N MET B 73 -12.68 -9.15 0.41
CA MET B 73 -12.85 -8.52 -0.91
C MET B 73 -12.64 -9.53 -2.04
N SER B 74 -11.62 -10.38 -1.90
CA SER B 74 -11.35 -11.41 -2.91
C SER B 74 -12.50 -12.41 -3.03
N LEU B 75 -13.04 -12.83 -1.89
CA LEU B 75 -14.17 -13.76 -1.87
C LEU B 75 -15.37 -13.17 -2.59
N MET B 76 -15.68 -11.90 -2.31
CA MET B 76 -16.88 -11.31 -2.86
C MET B 76 -16.71 -10.98 -4.33
N ALA B 77 -15.52 -10.53 -4.73
CA ALA B 77 -15.22 -10.31 -6.13
C ALA B 77 -15.24 -11.63 -6.90
N PHE B 78 -14.76 -12.70 -6.27
CA PHE B 78 -14.74 -14.02 -6.93
C PHE B 78 -16.16 -14.58 -7.18
N SER B 79 -16.99 -14.55 -6.14
CA SER B 79 -18.40 -15.00 -6.26
C SER B 79 -19.18 -14.13 -7.22
N LEU B 80 -18.85 -12.83 -7.28
CA LEU B 80 -19.42 -11.94 -8.32
C LEU B 80 -19.13 -12.42 -9.73
N GLY B 81 -17.87 -12.79 -9.98
CA GLY B 81 -17.46 -13.37 -11.26
C GLY B 81 -18.25 -14.63 -11.57
N TRP B 82 -18.38 -15.51 -10.58
CA TRP B 82 -19.21 -16.72 -10.73
C TRP B 82 -20.66 -16.40 -11.12
N ARG B 83 -21.31 -15.52 -10.35
CA ARG B 83 -22.74 -15.22 -10.61
C ARG B 83 -22.90 -14.53 -11.96
N SER B 84 -21.92 -13.70 -12.33
CA SER B 84 -21.98 -12.96 -13.59
C SER B 84 -21.85 -13.92 -14.77
N TYR B 85 -20.97 -14.90 -14.62
CA TYR B 85 -20.82 -15.99 -15.57
C TYR B 85 -22.07 -16.88 -15.68
N GLN B 86 -22.58 -17.35 -14.54
CA GLN B 86 -23.75 -18.24 -14.54
C GLN B 86 -25.02 -17.57 -15.06
N HIS B 87 -25.27 -16.35 -14.62
CA HIS B 87 -26.57 -15.72 -14.88
C HIS B 87 -26.58 -14.82 -16.10
N THR B 88 -25.41 -14.39 -16.58
CA THR B 88 -25.36 -13.49 -17.74
C THR B 88 -24.39 -13.91 -18.84
N ASN B 89 -23.80 -15.10 -18.73
CA ASN B 89 -22.69 -15.53 -19.59
C ASN B 89 -21.55 -14.50 -19.69
N GLY B 90 -21.35 -13.74 -18.61
CA GLY B 90 -20.27 -12.77 -18.50
C GLY B 90 -20.57 -11.46 -19.21
N ASN B 91 -21.85 -11.17 -19.40
CA ASN B 91 -22.21 -9.97 -20.13
C ASN B 91 -22.54 -8.76 -19.27
N MET B 92 -22.86 -9.01 -18.00
CA MET B 92 -23.16 -7.97 -17.01
C MET B 92 -22.57 -8.39 -15.65
N LEU B 93 -22.48 -7.44 -14.71
CA LEU B 93 -22.03 -7.77 -13.35
C LEU B 93 -23.24 -8.05 -12.49
N TYR B 94 -23.39 -9.30 -12.09
CA TYR B 94 -24.55 -9.70 -11.32
C TYR B 94 -24.22 -9.59 -9.84
N PHE B 95 -24.24 -8.37 -9.31
CA PHE B 95 -24.03 -8.15 -7.87
C PHE B 95 -25.09 -8.86 -7.02
N ALA B 96 -26.36 -8.70 -7.41
CA ALA B 96 -27.49 -9.32 -6.73
C ALA B 96 -28.66 -9.30 -7.74
N PRO B 97 -29.74 -10.06 -7.48
CA PRO B 97 -30.88 -10.07 -8.43
C PRO B 97 -31.51 -8.68 -8.63
N ASP B 98 -31.45 -7.86 -7.58
CA ASP B 98 -32.01 -6.50 -7.61
C ASP B 98 -30.94 -5.44 -7.89
N LEU B 99 -29.75 -5.87 -8.31
CA LEU B 99 -28.66 -4.92 -8.60
C LEU B 99 -27.69 -5.52 -9.60
N ILE B 100 -28.08 -5.45 -10.87
CA ILE B 100 -27.29 -5.94 -11.97
C ILE B 100 -26.70 -4.74 -12.70
N PHE B 101 -25.41 -4.79 -13.02
CA PHE B 101 -24.73 -3.68 -13.66
C PHE B 101 -24.55 -3.95 -15.14
N ASN B 102 -25.14 -3.09 -15.97
CA ASN B 102 -24.76 -3.01 -17.37
C ASN B 102 -23.67 -1.97 -17.57
N GLU B 103 -23.29 -1.73 -18.83
CA GLU B 103 -22.28 -0.74 -19.18
C GLU B 103 -22.61 0.66 -18.61
N GLU B 104 -23.88 1.07 -18.70
CA GLU B 104 -24.32 2.37 -18.16
C GLU B 104 -24.07 2.49 -16.66
N ARG B 105 -24.49 1.48 -15.90
CA ARG B 105 -24.31 1.48 -14.44
C ARG B 105 -22.85 1.46 -14.02
N MET B 106 -22.03 0.74 -14.79
CA MET B 106 -20.58 0.76 -14.59
C MET B 106 -20.01 2.18 -14.70
N GLN B 107 -20.43 2.93 -15.73
CA GLN B 107 -20.00 4.31 -15.92
CA GLN B 107 -20.01 4.31 -15.93
C GLN B 107 -20.50 5.20 -14.79
N GLN B 108 -21.76 5.02 -14.41
CA GLN B 108 -22.40 5.79 -13.35
C GLN B 108 -21.88 5.52 -11.94
N SER B 109 -21.28 4.36 -11.75
CA SER B 109 -20.75 3.97 -10.42
C SER B 109 -19.60 4.88 -9.97
N SER B 110 -18.92 5.50 -10.94
CA SER B 110 -17.68 6.28 -10.73
C SER B 110 -16.47 5.40 -10.38
N MET B 111 -16.64 4.08 -10.53
CA MET B 111 -15.54 3.12 -10.45
C MET B 111 -15.54 2.24 -11.70
N TYR B 112 -15.66 2.88 -12.86
CA TYR B 112 -15.73 2.18 -14.14
C TYR B 112 -14.60 1.19 -14.40
N GLU B 113 -13.35 1.63 -14.27
CA GLU B 113 -12.22 0.74 -14.53
C GLU B 113 -12.23 -0.50 -13.62
N LEU B 114 -12.64 -0.30 -12.37
CA LEU B 114 -12.70 -1.42 -11.44
C LEU B 114 -13.84 -2.38 -11.81
N CYS B 115 -14.97 -1.81 -12.24
CA CYS B 115 -16.05 -2.62 -12.81
C CYS B 115 -15.56 -3.46 -14.00
N LYS B 116 -14.76 -2.84 -14.87
CA LYS B 116 -14.21 -3.56 -16.03
C LYS B 116 -13.26 -4.68 -15.57
N GLY B 117 -12.47 -4.41 -14.53
CA GLY B 117 -11.62 -5.43 -13.90
C GLY B 117 -12.43 -6.63 -13.40
N MET B 118 -13.53 -6.37 -12.70
CA MET B 118 -14.40 -7.44 -12.23
C MET B 118 -15.07 -8.18 -13.37
N HIS B 119 -15.42 -7.44 -14.43
CA HIS B 119 -15.98 -8.04 -15.63
C HIS B 119 -14.99 -9.01 -16.29
N LYS B 120 -13.71 -8.63 -16.35
CA LYS B 120 -12.64 -9.49 -16.87
C LYS B 120 -12.55 -10.84 -16.12
N ILE B 121 -12.72 -10.80 -14.80
CA ILE B 121 -12.82 -12.03 -14.03
C ILE B 121 -14.00 -12.90 -14.49
N SER B 122 -15.19 -12.31 -14.57
CA SER B 122 -16.36 -13.03 -15.09
C SER B 122 -16.06 -13.68 -16.45
N LEU B 123 -15.34 -12.95 -17.31
CA LEU B 123 -15.03 -13.44 -18.66
C LEU B 123 -14.05 -14.61 -18.63
N GLU B 124 -13.19 -14.65 -17.61
CA GLU B 124 -12.29 -15.77 -17.39
C GLU B 124 -13.06 -17.03 -16.96
N PHE B 125 -14.01 -16.87 -16.05
CA PHE B 125 -14.95 -17.95 -15.72
C PHE B 125 -15.59 -18.54 -16.99
N VAL B 126 -16.08 -17.65 -17.87
CA VAL B 126 -16.64 -18.08 -19.17
C VAL B 126 -15.62 -18.84 -20.02
N ARG B 127 -14.45 -18.23 -20.22
CA ARG B 127 -13.42 -18.84 -21.05
C ARG B 127 -13.07 -20.25 -20.58
N LEU B 128 -12.89 -20.40 -19.27
CA LEU B 128 -12.49 -21.68 -18.70
C LEU B 128 -13.64 -22.66 -18.52
N GLN B 129 -14.87 -22.18 -18.64
CA GLN B 129 -16.07 -22.98 -18.33
C GLN B 129 -15.95 -23.68 -16.95
N VAL B 130 -15.71 -22.88 -15.92
CA VAL B 130 -15.53 -23.39 -14.55
C VAL B 130 -16.82 -24.09 -14.10
N SER B 131 -16.70 -25.31 -13.58
CA SER B 131 -17.88 -26.04 -13.08
C SER B 131 -18.17 -25.57 -11.65
N TYR B 132 -19.38 -25.85 -11.16
CA TYR B 132 -19.77 -25.47 -9.81
C TYR B 132 -18.83 -26.09 -8.78
N GLU B 133 -18.45 -27.34 -9.02
CA GLU B 133 -17.57 -28.10 -8.10
C GLU B 133 -16.20 -27.43 -7.99
N GLU B 134 -15.63 -27.04 -9.14
CA GLU B 134 -14.36 -26.31 -9.19
C GLU B 134 -14.49 -24.98 -8.45
N TYR B 135 -15.54 -24.22 -8.76
CA TYR B 135 -15.78 -22.93 -8.09
C TYR B 135 -15.86 -23.05 -6.57
N LEU B 136 -16.61 -24.05 -6.09
CA LEU B 136 -16.76 -24.23 -4.63
C LEU B 136 -15.43 -24.50 -3.92
N CYS B 137 -14.58 -25.34 -4.52
CA CYS B 137 -13.28 -25.61 -3.92
C CYS B 137 -12.36 -24.40 -4.00
N MET B 138 -12.41 -23.72 -5.15
CA MET B 138 -11.58 -22.55 -5.40
C MET B 138 -11.89 -21.45 -4.41
N LYS B 139 -13.18 -21.28 -4.11
CA LYS B 139 -13.59 -20.24 -3.19
C LYS B 139 -13.04 -20.48 -1.80
N VAL B 140 -12.98 -21.76 -1.37
CA VAL B 140 -12.36 -22.07 -0.08
C VAL B 140 -10.87 -21.74 -0.14
N LEU B 141 -10.21 -22.07 -1.25
CA LEU B 141 -8.79 -21.70 -1.42
C LEU B 141 -8.56 -20.19 -1.26
N LEU B 142 -9.46 -19.37 -1.80
CA LEU B 142 -9.37 -17.89 -1.62
C LEU B 142 -9.49 -17.41 -0.17
N LEU B 143 -10.42 -18.00 0.58
CA LEU B 143 -10.53 -17.77 2.02
C LEU B 143 -9.18 -18.02 2.71
N LEU B 144 -8.43 -18.95 2.13
CA LEU B 144 -7.16 -19.40 2.69
C LEU B 144 -5.94 -18.86 1.96
N SER B 145 -6.09 -17.73 1.26
CA SER B 145 -5.01 -17.27 0.39
C SER B 145 -4.48 -15.85 0.66
N THR B 146 -5.02 -15.17 1.66
CA THR B 146 -4.44 -13.89 2.07
C THR B 146 -4.14 -13.96 3.57
N VAL B 147 -2.85 -13.88 3.91
CA VAL B 147 -2.42 -14.04 5.30
C VAL B 147 -1.67 -12.80 5.78
N PRO B 148 -1.63 -12.59 7.11
CA PRO B 148 -0.79 -11.51 7.62
C PRO B 148 0.68 -11.83 7.36
N LYS B 149 1.44 -10.81 6.96
CA LYS B 149 2.86 -10.95 6.68
C LYS B 149 3.62 -11.51 7.89
N ASP B 150 3.20 -11.15 9.10
CA ASP B 150 3.86 -11.64 10.31
C ASP B 150 3.33 -13.00 10.80
N GLY B 151 2.43 -13.62 10.04
CA GLY B 151 2.05 -15.00 10.26
C GLY B 151 0.82 -15.21 11.13
N LEU B 152 0.34 -16.44 11.14
CA LEU B 152 -0.85 -16.83 11.89
C LEU B 152 -0.47 -17.42 13.24
N LYS B 153 -1.44 -17.48 14.15
CA LYS B 153 -1.22 -18.11 15.46
C LYS B 153 -1.19 -19.63 15.37
N SER B 154 -1.96 -20.20 14.44
CA SER B 154 -2.06 -21.66 14.27
C SER B 154 -1.60 -22.09 12.89
N GLN B 155 -0.30 -21.92 12.61
CA GLN B 155 0.25 -22.18 11.26
C GLN B 155 0.10 -23.63 10.78
N ALA B 156 0.40 -24.61 11.66
CA ALA B 156 0.33 -26.02 11.27
C ALA B 156 -1.08 -26.44 10.86
N ALA B 157 -2.08 -25.97 11.60
CA ALA B 157 -3.47 -26.29 11.29
C ALA B 157 -3.89 -25.59 9.99
N PHE B 158 -3.36 -24.39 9.76
CA PHE B 158 -3.63 -23.65 8.53
C PHE B 158 -3.07 -24.41 7.33
N ASP B 159 -1.80 -24.80 7.41
CA ASP B 159 -1.13 -25.56 6.34
C ASP B 159 -1.92 -26.84 5.99
N GLU B 160 -2.40 -27.54 7.02
CA GLU B 160 -3.16 -28.78 6.84
C GLU B 160 -4.50 -28.54 6.11
N ILE B 161 -5.26 -27.56 6.58
CA ILE B 161 -6.55 -27.27 5.98
C ILE B 161 -6.37 -26.78 4.52
N ARG B 162 -5.37 -25.93 4.29
CA ARG B 162 -5.15 -25.41 2.94
C ARG B 162 -4.82 -26.55 1.97
N MET B 163 -3.90 -27.44 2.39
CA MET B 163 -3.53 -28.61 1.59
C MET B 163 -4.72 -29.54 1.32
N SER B 164 -5.59 -29.71 2.31
CA SER B 164 -6.77 -30.57 2.14
CA SER B 164 -6.78 -30.55 2.14
C SER B 164 -7.71 -30.01 1.07
N TYR B 165 -7.91 -28.70 1.03
CA TYR B 165 -8.78 -28.11 0.01
C TYR B 165 -8.12 -28.00 -1.38
N ILE B 166 -6.80 -27.88 -1.41
CA ILE B 166 -6.07 -28.03 -2.67
C ILE B 166 -6.29 -29.46 -3.22
N LYS B 167 -6.23 -30.43 -2.34
CA LYS B 167 -6.50 -31.83 -2.71
C LYS B 167 -7.93 -31.97 -3.24
N GLU B 168 -8.89 -31.30 -2.59
CA GLU B 168 -10.28 -31.38 -3.03
C GLU B 168 -10.49 -30.80 -4.41
N LEU B 169 -9.84 -29.68 -4.71
CA LEU B 169 -9.88 -29.13 -6.08
C LEU B 169 -9.30 -30.15 -7.07
N GLY B 170 -8.14 -30.70 -6.74
CA GLY B 170 -7.50 -31.75 -7.54
C GLY B 170 -8.46 -32.89 -7.83
N LYS B 171 -9.13 -33.40 -6.78
CA LYS B 171 -10.10 -34.48 -6.93
C LYS B 171 -11.29 -34.10 -7.84
N ALA B 172 -11.83 -32.89 -7.67
CA ALA B 172 -12.91 -32.41 -8.55
C ALA B 172 -12.51 -32.41 -10.03
N ILE B 173 -11.27 -32.01 -10.29
CA ILE B 173 -10.74 -31.95 -11.66
C ILE B 173 -10.64 -33.35 -12.25
N VAL B 174 -10.08 -34.28 -11.47
CA VAL B 174 -9.94 -35.67 -11.90
C VAL B 174 -11.30 -36.36 -12.09
N LYS B 175 -12.24 -36.11 -11.18
CA LYS B 175 -13.59 -36.67 -11.28
C LYS B 175 -14.32 -36.27 -12.56
N ARG B 176 -14.22 -34.99 -12.93
CA ARG B 176 -14.88 -34.46 -14.11
C ARG B 176 -14.20 -34.93 -15.39
N GLU B 177 -12.87 -34.83 -15.41
CA GLU B 177 -12.09 -35.02 -16.63
C GLU B 177 -11.61 -36.46 -16.88
N GLY B 178 -11.49 -37.24 -15.81
CA GLY B 178 -11.05 -38.64 -15.92
C GLY B 178 -9.55 -38.82 -15.97
N ASN B 179 -9.11 -39.87 -16.66
CA ASN B 179 -7.70 -40.19 -16.85
C ASN B 179 -7.14 -39.39 -18.04
N SER B 180 -6.69 -38.17 -17.75
CA SER B 180 -6.35 -37.20 -18.79
C SER B 180 -5.02 -36.51 -18.53
N SER B 181 -4.29 -36.26 -19.63
CA SER B 181 -3.04 -35.51 -19.57
C SER B 181 -3.29 -34.02 -19.32
N GLN B 182 -4.54 -33.60 -19.52
CA GLN B 182 -4.96 -32.22 -19.33
C GLN B 182 -5.18 -31.82 -17.86
N ASN B 183 -5.21 -32.79 -16.96
CA ASN B 183 -5.50 -32.54 -15.54
C ASN B 183 -4.53 -31.57 -14.88
N TRP B 184 -3.23 -31.71 -15.18
CA TRP B 184 -2.21 -30.78 -14.67
C TRP B 184 -2.53 -29.37 -15.16
N GLN B 185 -2.82 -29.25 -16.46
CA GLN B 185 -3.06 -27.96 -17.09
C GLN B 185 -4.34 -27.30 -16.60
N ARG B 186 -5.37 -28.09 -16.35
CA ARG B 186 -6.62 -27.55 -15.80
C ARG B 186 -6.38 -26.92 -14.43
N PHE B 187 -5.66 -27.65 -13.58
CA PHE B 187 -5.35 -27.16 -12.24
C PHE B 187 -4.59 -25.84 -12.35
N TYR B 188 -3.59 -25.83 -13.24
CA TYR B 188 -2.80 -24.64 -13.52
C TYR B 188 -3.67 -23.45 -13.92
N GLN B 189 -4.62 -23.68 -14.83
CA GLN B 189 -5.49 -22.61 -15.32
C GLN B 189 -6.40 -22.06 -14.23
N LEU B 190 -6.97 -22.94 -13.42
CA LEU B 190 -7.85 -22.53 -12.33
C LEU B 190 -7.08 -21.74 -11.27
N THR B 191 -5.84 -22.17 -10.96
CA THR B 191 -5.06 -21.45 -9.96
C THR B 191 -4.47 -20.15 -10.50
N LYS B 192 -4.30 -20.06 -11.82
CA LYS B 192 -3.93 -18.80 -12.45
C LYS B 192 -5.03 -17.77 -12.25
N LEU B 193 -6.29 -18.21 -12.38
CA LEU B 193 -7.43 -17.34 -12.13
C LEU B 193 -7.46 -16.88 -10.66
N LEU B 194 -7.24 -17.80 -9.73
CA LEU B 194 -7.15 -17.42 -8.32
C LEU B 194 -6.06 -16.37 -8.10
N ASP B 195 -4.87 -16.60 -8.64
CA ASP B 195 -3.74 -15.68 -8.45
C ASP B 195 -4.08 -14.29 -8.97
N SER B 196 -4.89 -14.24 -10.03
CA SER B 196 -5.26 -12.97 -10.68
C SER B 196 -6.17 -12.09 -9.82
N MET B 197 -6.87 -12.70 -8.86
CA MET B 197 -7.76 -11.96 -7.98
C MET B 197 -7.00 -10.89 -7.21
N HIS B 198 -5.76 -11.20 -6.82
CA HIS B 198 -5.03 -10.34 -5.90
C HIS B 198 -4.71 -8.95 -6.44
N ASP B 199 -4.30 -8.85 -7.71
CA ASP B 199 -4.01 -7.54 -8.29
CA ASP B 199 -4.02 -7.55 -8.34
C ASP B 199 -5.30 -6.73 -8.41
N LEU B 200 -6.39 -7.38 -8.81
CA LEU B 200 -7.69 -6.70 -8.89
C LEU B 200 -8.12 -6.21 -7.51
N VAL B 201 -7.95 -7.08 -6.53
CA VAL B 201 -8.41 -6.78 -5.17
C VAL B 201 -7.69 -5.55 -4.61
N GLY B 202 -6.41 -5.39 -4.95
CA GLY B 202 -5.64 -4.20 -4.57
C GLY B 202 -6.33 -2.89 -4.95
N GLY B 203 -6.79 -2.82 -6.20
CA GLY B 203 -7.55 -1.65 -6.67
C GLY B 203 -8.93 -1.50 -6.04
N LEU B 204 -9.62 -2.62 -5.81
CA LEU B 204 -10.93 -2.59 -5.16
C LEU B 204 -10.80 -2.05 -3.74
N LEU B 205 -9.79 -2.55 -3.02
CA LEU B 205 -9.55 -2.08 -1.66
C LEU B 205 -9.16 -0.60 -1.61
N GLN B 206 -8.35 -0.15 -2.59
CA GLN B 206 -7.96 1.26 -2.62
C GLN B 206 -9.18 2.20 -2.74
N PHE B 207 -10.09 1.87 -3.66
CA PHE B 207 -11.32 2.67 -3.83
C PHE B 207 -12.24 2.57 -2.61
N CYS B 208 -12.36 1.36 -2.05
CA CYS B 208 -13.06 1.17 -0.78
C CYS B 208 -12.53 2.08 0.35
N PHE B 209 -11.20 2.11 0.52
CA PHE B 209 -10.60 2.97 1.54
C PHE B 209 -10.89 4.44 1.26
N TYR B 210 -10.73 4.84 0.01
CA TYR B 210 -11.05 6.19 -0.44
C TYR B 210 -12.50 6.59 -0.14
N THR B 211 -13.47 5.76 -0.56
CA THR B 211 -14.86 6.10 -0.33
C THR B 211 -15.22 6.07 1.15
N PHE B 212 -14.56 5.18 1.88
CA PHE B 212 -14.73 5.09 3.32
C PHE B 212 -14.32 6.39 4.04
N VAL B 213 -13.09 6.86 3.77
CA VAL B 213 -12.59 8.07 4.46
C VAL B 213 -13.27 9.34 3.98
N GLU B 214 -13.71 9.35 2.73
CA GLU B 214 -14.43 10.49 2.18
C GLU B 214 -15.95 10.27 2.20
N SER B 215 -16.43 9.40 3.11
CA SER B 215 -17.85 8.97 3.10
C SER B 215 -18.86 10.10 3.29
N LYS B 216 -18.61 11.00 4.23
CA LYS B 216 -19.49 12.15 4.47
C LYS B 216 -19.53 13.10 3.26
N THR B 217 -18.35 13.46 2.74
CA THR B 217 -18.25 14.33 1.56
C THR B 217 -18.96 13.74 0.34
N LEU B 218 -18.81 12.43 0.14
CA LEU B 218 -19.37 11.74 -1.02
C LEU B 218 -20.80 11.24 -0.82
N SER B 219 -21.32 11.32 0.41
CA SER B 219 -22.63 10.74 0.76
C SER B 219 -22.71 9.24 0.45
N VAL B 220 -21.64 8.51 0.74
CA VAL B 220 -21.63 7.06 0.53
C VAL B 220 -21.71 6.37 1.88
N GLU B 221 -22.76 5.59 2.07
CA GLU B 221 -22.99 4.89 3.34
C GLU B 221 -22.33 3.51 3.37
N PHE B 222 -21.86 3.14 4.54
CA PHE B 222 -21.35 1.79 4.80
C PHE B 222 -22.11 1.18 5.95
N PRO B 223 -22.48 -0.12 5.85
CA PRO B 223 -23.14 -0.76 6.99
C PRO B 223 -22.13 -1.10 8.08
N GLU B 224 -22.61 -1.35 9.29
CA GLU B 224 -21.77 -1.66 10.45
C GLU B 224 -20.74 -2.77 10.20
N MET B 225 -21.17 -3.84 9.54
CA MET B 225 -20.30 -4.97 9.20
C MET B 225 -19.04 -4.53 8.42
N LEU B 226 -19.23 -3.70 7.40
CA LEU B 226 -18.11 -3.20 6.61
C LEU B 226 -17.27 -2.17 7.36
N VAL B 227 -17.92 -1.27 8.11
CA VAL B 227 -17.20 -0.28 8.92
C VAL B 227 -16.21 -0.99 9.85
N GLU B 228 -16.68 -2.04 10.50
CA GLU B 228 -15.86 -2.89 11.37
C GLU B 228 -14.67 -3.52 10.64
N ILE B 229 -14.92 -4.11 9.47
CA ILE B 229 -13.86 -4.75 8.68
C ILE B 229 -12.85 -3.73 8.17
N ILE B 230 -13.34 -2.66 7.55
CA ILE B 230 -12.51 -1.62 6.95
C ILE B 230 -11.65 -0.90 8.01
N SER B 231 -12.26 -0.53 9.14
CA SER B 231 -11.49 0.19 10.16
C SER B 231 -10.38 -0.69 10.75
N ASN B 232 -10.55 -2.01 10.72
CA ASN B 232 -9.47 -2.93 11.06
C ASN B 232 -8.45 -3.16 9.96
N GLN B 233 -8.94 -3.29 8.74
CA GLN B 233 -8.12 -3.67 7.59
C GLN B 233 -7.34 -2.52 6.98
N LEU B 234 -7.93 -1.33 6.94
CA LEU B 234 -7.33 -0.18 6.26
C LEU B 234 -5.86 0.03 6.71
N PRO B 235 -5.62 0.15 8.03
CA PRO B 235 -4.24 0.35 8.50
C PRO B 235 -3.32 -0.82 8.16
N LYS B 236 -3.84 -2.05 8.24
CA LYS B 236 -3.04 -3.23 7.96
C LYS B 236 -2.67 -3.37 6.49
N VAL B 237 -3.66 -3.22 5.60
CA VAL B 237 -3.41 -3.26 4.16
C VAL B 237 -2.44 -2.15 3.70
N MET B 238 -2.68 -0.93 4.16
CA MET B 238 -1.82 0.20 3.79
C MET B 238 -0.40 0.09 4.34
N ALA B 239 -0.25 -0.61 5.46
CA ALA B 239 1.05 -0.89 6.07
C ALA B 239 1.76 -2.07 5.40
N GLY B 240 1.14 -2.66 4.38
CA GLY B 240 1.72 -3.75 3.60
C GLY B 240 1.71 -5.12 4.27
N MET B 241 0.78 -5.32 5.22
CA MET B 241 0.71 -6.54 6.02
CA MET B 241 0.71 -6.54 6.02
C MET B 241 -0.04 -7.69 5.35
N ALA B 242 -0.79 -7.37 4.28
CA ALA B 242 -1.55 -8.41 3.58
C ALA B 242 -0.67 -9.11 2.56
N LYS B 243 -0.50 -10.41 2.75
CA LYS B 243 0.34 -11.21 1.89
C LYS B 243 -0.48 -12.27 1.16
N PRO B 244 -0.60 -12.14 -0.17
CA PRO B 244 -1.26 -13.21 -0.90
C PRO B 244 -0.41 -14.49 -0.98
N LEU B 245 -1.05 -15.64 -0.92
CA LEU B 245 -0.39 -16.91 -1.18
C LEU B 245 -0.64 -17.31 -2.63
N LEU B 246 0.36 -17.07 -3.47
CA LEU B 246 0.25 -17.29 -4.91
C LEU B 246 0.61 -18.72 -5.27
N PHE B 247 -0.17 -19.31 -6.19
CA PHE B 247 0.16 -20.63 -6.72
C PHE B 247 1.34 -20.59 -7.73
N HIS B 248 1.50 -19.45 -8.41
CA HIS B 248 2.51 -19.32 -9.46
C HIS B 248 3.39 -18.07 -9.29
N GLN B 249 4.43 -17.96 -10.13
CA GLN B 249 5.44 -16.91 -9.99
C GLN B 249 4.94 -15.55 -10.50
#